data_6YWN
#
_entry.id   6YWN
#
_cell.length_a   88.220
_cell.length_b   93.470
_cell.length_c   86.830
_cell.angle_alpha   90.000
_cell.angle_beta   90.000
_cell.angle_gamma   90.000
#
_symmetry.space_group_name_H-M   'C 2 2 21'
#
loop_
_entity.id
_entity.type
_entity.pdbx_description
1 polymer CutA
2 non-polymer 'CALCIUM ION'
3 non-polymer "5'-O-[(S)-hydroxy{[(S)-hydroxy(phosphonooxy)phosphoryl]methyl}phosphoryl]cytidine"
4 water water
#
_entity_poly.entity_id   1
_entity_poly.type   'polypeptide(L)'
_entity_poly.pdbx_seq_one_letter_code
;ETAIPFSRRR(MSE)PYSLGTDKLEKVDPDKIKSKLSEDVERKLETD(MSE)RELYDRLLPTEAIEVNRRELVSKLERLF
NTEWPGHDIRVHLFGSSGNLLCSDDSDVDICITTPWRELESVC(MSE)IAELLDRHG(MSE)EKVVCVSSAKVPIVKIWD
PELKLACD(MSE)NVNNTLALENTR(MSE)VRTYVSIDDRVRPLA(MSE)IIKYWTRRRVVNDAAFGGTLSSYTWIC
(MSE)IIAFLQLRDPPVLPALHQQHDLKLVKQDGALSDFADDIPKLRGFGAKNKDSLAVLLFQFFRFYAHEFDYDKYTLS
IR(MSE)GTLLTKAEKNWQYLVNNALCVEEPFNDGRNLGNTADETSFRGLH(MSE)ELRRAFDLIAEGKLEECCEQYVFP
KEEERV
;
_entity_poly.pdbx_strand_id   A
#
loop_
_chem_comp.id
_chem_comp.type
_chem_comp.name
_chem_comp.formula
2TM non-polymer 5'-O-[(S)-hydroxy{[(S)-hydroxy(phosphonooxy)phosphoryl]methyl}phosphoryl]cytidine 'C10 H18 N3 O13 P3'
CA non-polymer 'CALCIUM ION' 'Ca 2'
#
# COMPACT_ATOMS: atom_id res chain seq x y z
N ARG A 8 -11.18 12.57 -13.80
CA ARG A 8 -9.76 12.30 -13.68
C ARG A 8 -9.43 10.86 -14.10
N ARG A 9 -10.17 10.34 -15.07
CA ARG A 9 -10.00 8.96 -15.47
C ARG A 9 -8.64 8.73 -16.13
N ARG A 10 -7.85 7.80 -15.58
CA ARG A 10 -6.46 7.69 -16.01
C ARG A 10 -6.33 6.93 -17.32
N MSE A 11 -7.13 5.88 -17.50
CA MSE A 11 -7.05 5.01 -18.66
C MSE A 11 -8.30 5.20 -19.54
O MSE A 11 -9.39 4.77 -19.18
CB MSE A 11 -6.90 3.54 -18.21
CG MSE A 11 -5.73 3.25 -17.27
SE MSE A 11 -4.10 3.75 -18.13
CE MSE A 11 -2.85 3.21 -16.76
H MSE A 11 -7.74 5.64 -16.94
HA MSE A 11 -6.27 5.21 -19.20
HB2 MSE A 11 -7.71 3.29 -17.74
HB3 MSE A 11 -6.78 2.99 -18.99
HG2 MSE A 11 -5.83 3.78 -16.46
HG3 MSE A 11 -5.70 2.31 -17.06
HE1 MSE A 11 -2.96 2.26 -16.59
HE2 MSE A 11 -1.95 3.39 -17.07
HE3 MSE A 11 -3.02 3.72 -15.96
N PRO A 12 -8.14 5.88 -20.68
CA PRO A 12 -9.31 6.22 -21.49
C PRO A 12 -9.99 5.00 -22.09
N TYR A 13 -11.32 5.13 -22.29
CA TYR A 13 -12.09 4.01 -22.83
C TYR A 13 -11.62 3.60 -24.22
N SER A 14 -10.95 4.49 -24.94
CA SER A 14 -10.43 4.13 -26.25
C SER A 14 -9.49 2.94 -26.18
N LEU A 15 -8.84 2.71 -25.03
CA LEU A 15 -7.86 1.63 -24.94
C LEU A 15 -8.51 0.29 -25.23
N GLY A 16 -9.81 0.16 -25.01
CA GLY A 16 -10.46 -1.13 -25.11
C GLY A 16 -10.11 -2.01 -23.93
N THR A 17 -10.46 -3.29 -24.09
CA THR A 17 -10.39 -4.22 -22.97
C THR A 17 -9.56 -5.47 -23.25
N ASP A 18 -8.93 -5.55 -24.41
CA ASP A 18 -8.25 -6.79 -24.77
C ASP A 18 -7.14 -7.12 -23.77
N LYS A 19 -7.03 -8.41 -23.47
CA LYS A 19 -5.92 -8.87 -22.64
C LYS A 19 -4.64 -8.89 -23.45
N LEU A 20 -3.52 -8.62 -22.77
CA LEU A 20 -2.22 -8.73 -23.41
C LEU A 20 -1.84 -10.21 -23.54
N GLU A 21 -1.38 -10.58 -24.72
CA GLU A 21 -0.96 -11.96 -24.93
C GLU A 21 0.27 -12.31 -24.08
N LYS A 22 0.31 -13.56 -23.63
CA LYS A 22 1.49 -14.07 -22.97
C LYS A 22 2.62 -14.24 -23.98
N VAL A 23 3.78 -13.71 -23.64
CA VAL A 23 5.00 -13.85 -24.45
C VAL A 23 5.69 -15.14 -24.05
N ASP A 24 6.27 -15.83 -25.03
CA ASP A 24 7.04 -17.04 -24.78
C ASP A 24 8.07 -16.79 -23.67
N PRO A 25 8.03 -17.56 -22.59
CA PRO A 25 8.96 -17.29 -21.49
C PRO A 25 10.42 -17.31 -21.90
N ASP A 26 10.78 -18.08 -22.93
CA ASP A 26 12.18 -18.14 -23.35
C ASP A 26 12.66 -16.88 -24.03
N LYS A 27 11.76 -15.98 -24.42
CA LYS A 27 12.12 -14.77 -25.13
C LYS A 27 12.14 -13.54 -24.23
N ILE A 28 11.94 -13.71 -22.93
CA ILE A 28 11.86 -12.58 -22.00
C ILE A 28 13.15 -12.52 -21.21
N LYS A 29 13.84 -11.38 -21.30
CA LYS A 29 15.07 -11.16 -20.53
C LYS A 29 14.85 -11.55 -19.08
N SER A 30 15.77 -12.33 -18.51
CA SER A 30 15.62 -12.79 -17.14
C SER A 30 16.69 -12.24 -16.20
N LYS A 31 17.71 -11.56 -16.73
CA LYS A 31 18.84 -11.11 -15.93
C LYS A 31 19.27 -9.73 -16.41
N LEU A 32 19.56 -8.84 -15.46
CA LEU A 32 20.23 -7.60 -15.79
C LEU A 32 21.69 -7.87 -16.07
N SER A 33 22.24 -7.13 -17.04
CA SER A 33 23.69 -7.12 -17.22
C SER A 33 24.35 -6.48 -16.00
N GLU A 34 25.64 -6.77 -15.83
CA GLU A 34 26.34 -6.25 -14.66
C GLU A 34 26.40 -4.73 -14.67
N ASP A 35 26.66 -4.15 -15.86
CA ASP A 35 26.75 -2.70 -15.97
C ASP A 35 25.42 -2.05 -15.62
N VAL A 36 24.32 -2.65 -16.09
CA VAL A 36 23.01 -2.08 -15.81
C VAL A 36 22.69 -2.25 -14.34
N GLU A 37 22.97 -3.42 -13.77
CA GLU A 37 22.66 -3.63 -12.36
C GLU A 37 23.40 -2.63 -11.48
N ARG A 38 24.66 -2.36 -11.81
CA ARG A 38 25.46 -1.50 -10.96
C ARG A 38 24.93 -0.10 -10.96
N LYS A 39 24.61 0.42 -12.13
CA LYS A 39 24.10 1.79 -12.19
CA LYS A 39 24.10 1.78 -12.21
C LYS A 39 22.70 1.88 -11.61
N LEU A 40 21.84 0.88 -11.87
CA LEU A 40 20.49 0.90 -11.31
C LEU A 40 20.52 0.85 -9.79
N GLU A 41 21.44 0.07 -9.22
CA GLU A 41 21.58 0.03 -7.77
C GLU A 41 21.90 1.41 -7.22
N THR A 42 22.90 2.08 -7.80
CA THR A 42 23.27 3.40 -7.29
CA THR A 42 23.29 3.42 -7.35
C THR A 42 22.15 4.41 -7.52
N ASP A 43 21.46 4.34 -8.66
CA ASP A 43 20.41 5.31 -8.90
C ASP A 43 19.24 5.07 -7.95
N MSE A 44 18.93 3.82 -7.65
CA MSE A 44 17.88 3.52 -6.67
C MSE A 44 18.24 4.03 -5.27
O MSE A 44 17.41 4.58 -4.54
CB MSE A 44 17.59 2.01 -6.61
CG MSE A 44 16.84 1.48 -7.79
SE MSE A 44 16.57 -0.42 -7.72
CE MSE A 44 15.15 -0.48 -6.33
H MSE A 44 19.31 3.12 -8.00
HA MSE A 44 17.08 3.97 -6.96
HB2 MSE A 44 18.44 1.54 -6.57
HB3 MSE A 44 17.06 1.83 -5.82
HG2 MSE A 44 15.97 1.91 -7.83
HG3 MSE A 44 17.35 1.68 -8.60
HE1 MSE A 44 14.36 -0.04 -6.67
HE2 MSE A 44 14.95 -1.41 -6.12
HE3 MSE A 44 15.46 -0.02 -5.53
N ARG A 45 19.49 3.82 -4.88
CA ARG A 45 19.92 4.27 -3.56
C ARG A 45 19.87 5.79 -3.44
N GLU A 46 20.26 6.51 -4.49
CA GLU A 46 20.14 7.96 -4.51
C GLU A 46 18.67 8.38 -4.41
N LEU A 47 17.78 7.72 -5.18
CA LEU A 47 16.36 8.08 -5.13
C LEU A 47 15.76 7.80 -3.74
N TYR A 48 16.06 6.63 -3.20
CA TYR A 48 15.57 6.30 -1.85
C TYR A 48 15.98 7.35 -0.84
N ASP A 49 17.25 7.78 -0.85
CA ASP A 49 17.69 8.79 0.11
C ASP A 49 16.88 10.07 0.01
N ARG A 50 16.45 10.43 -1.20
CA ARG A 50 15.63 11.62 -1.45
C ARG A 50 14.17 11.42 -1.07
N LEU A 51 13.68 10.18 -1.04
CA LEU A 51 12.29 9.91 -0.71
C LEU A 51 12.07 9.75 0.78
N LEU A 52 13.10 9.38 1.54
CA LEU A 52 12.97 9.20 2.99
C LEU A 52 12.42 10.47 3.64
N PRO A 53 11.59 10.31 4.67
CA PRO A 53 11.03 11.47 5.36
C PRO A 53 12.06 12.18 6.22
N THR A 54 11.72 13.42 6.57
CA THR A 54 12.56 14.26 7.41
C THR A 54 11.94 14.49 8.78
N GLU A 55 12.80 14.82 9.74
CA GLU A 55 12.37 14.97 11.12
C GLU A 55 11.19 15.92 11.25
N ALA A 56 11.29 17.09 10.62
CA ALA A 56 10.26 18.11 10.86
C ALA A 56 8.88 17.60 10.51
N ILE A 57 8.77 16.90 9.40
CA ILE A 57 7.44 16.47 8.97
C ILE A 57 6.99 15.28 9.78
N GLU A 58 7.91 14.40 10.17
CA GLU A 58 7.49 13.27 10.99
C GLU A 58 6.96 13.75 12.33
N VAL A 59 7.59 14.79 12.90
CA VAL A 59 7.11 15.37 14.13
C VAL A 59 5.74 15.96 13.92
N ASN A 60 5.52 16.66 12.79
CA ASN A 60 4.22 17.28 12.54
C ASN A 60 3.11 16.26 12.46
N ARG A 61 3.39 15.07 11.90
CA ARG A 61 2.38 14.04 11.85
C ARG A 61 1.94 13.65 13.25
N ARG A 62 2.90 13.50 14.18
CA ARG A 62 2.59 13.21 15.57
C ARG A 62 1.85 14.38 16.23
N GLU A 63 2.24 15.61 15.92
CA GLU A 63 1.57 16.76 16.51
C GLU A 63 0.12 16.84 16.06
N LEU A 64 -0.15 16.41 14.83
CA LEU A 64 -1.53 16.42 14.37
C LEU A 64 -2.39 15.45 15.18
N VAL A 65 -1.86 14.24 15.46
CA VAL A 65 -2.55 13.27 16.30
C VAL A 65 -2.87 13.85 17.66
N SER A 66 -1.87 14.43 18.33
N SER A 66 -1.88 14.43 18.33
CA SER A 66 -2.08 14.96 19.66
CA SER A 66 -2.12 14.94 19.67
C SER A 66 -3.10 16.10 19.64
C SER A 66 -3.09 16.12 19.66
N LYS A 67 -3.02 16.98 18.63
CA LYS A 67 -3.93 18.10 18.55
C LYS A 67 -5.36 17.62 18.42
N LEU A 68 -5.57 16.65 17.53
CA LEU A 68 -6.90 16.11 17.34
C LEU A 68 -7.40 15.44 18.60
N GLU A 69 -6.55 14.66 19.26
CA GLU A 69 -7.00 13.97 20.47
C GLU A 69 -7.46 14.96 21.54
N ARG A 70 -6.70 16.06 21.71
CA ARG A 70 -7.10 17.06 22.68
CA ARG A 70 -7.10 17.06 22.68
C ARG A 70 -8.42 17.70 22.30
N LEU A 71 -8.60 18.07 21.03
CA LEU A 71 -9.87 18.66 20.63
C LEU A 71 -11.05 17.72 20.89
N PHE A 72 -10.90 16.45 20.54
CA PHE A 72 -12.04 15.53 20.67
C PHE A 72 -12.38 15.28 22.15
N ASN A 73 -11.36 15.12 23.01
CA ASN A 73 -11.64 14.89 24.43
C ASN A 73 -12.13 16.12 25.15
N THR A 74 -11.84 17.31 24.65
CA THR A 74 -12.45 18.49 25.22
C THR A 74 -13.91 18.64 24.80
N GLU A 75 -14.22 18.34 23.54
CA GLU A 75 -15.61 18.48 23.10
C GLU A 75 -16.48 17.38 23.67
N TRP A 76 -15.95 16.16 23.76
CA TRP A 76 -16.70 14.98 24.16
C TRP A 76 -15.92 14.22 25.21
N PRO A 77 -15.80 14.77 26.40
CA PRO A 77 -15.02 14.10 27.45
C PRO A 77 -15.69 12.83 27.95
N GLY A 78 -14.86 11.93 28.50
CA GLY A 78 -15.35 10.74 29.14
C GLY A 78 -15.64 9.57 28.24
N HIS A 79 -15.15 9.58 27.00
CA HIS A 79 -15.42 8.52 26.05
C HIS A 79 -14.15 7.85 25.56
N ASP A 80 -13.04 8.05 26.28
CA ASP A 80 -11.78 7.38 25.97
C ASP A 80 -11.41 7.48 24.49
N ILE A 81 -11.57 8.67 23.92
CA ILE A 81 -11.26 8.88 22.51
C ILE A 81 -9.75 8.96 22.34
N ARG A 82 -9.21 8.09 21.49
CA ARG A 82 -7.80 8.04 21.18
C ARG A 82 -7.61 8.19 19.69
N VAL A 83 -6.47 8.72 19.29
CA VAL A 83 -6.19 9.02 17.91
C VAL A 83 -4.86 8.40 17.51
N HIS A 84 -4.85 7.78 16.33
CA HIS A 84 -3.72 6.98 15.90
C HIS A 84 -3.37 7.23 14.45
N LEU A 85 -2.08 7.27 14.15
CA LEU A 85 -1.64 7.24 12.77
C LEU A 85 -1.79 5.84 12.20
N PHE A 86 -2.15 5.78 10.93
CA PHE A 86 -2.05 4.54 10.16
C PHE A 86 -1.64 4.89 8.74
N GLY A 87 -1.71 3.94 7.82
CA GLY A 87 -1.23 4.16 6.48
C GLY A 87 0.28 4.43 6.52
N SER A 88 0.79 5.14 5.51
CA SER A 88 2.25 5.25 5.41
C SER A 88 2.89 6.02 6.55
N SER A 89 2.13 6.86 7.24
CA SER A 89 2.65 7.52 8.44
C SER A 89 2.91 6.55 9.57
N GLY A 90 2.32 5.34 9.51
CA GLY A 90 2.55 4.32 10.50
C GLY A 90 3.22 3.03 10.02
N ASN A 91 3.57 2.91 8.74
CA ASN A 91 4.09 1.63 8.23
C ASN A 91 5.50 1.76 7.64
N LEU A 92 6.20 2.89 7.89
CA LEU A 92 7.59 3.12 7.45
C LEU A 92 7.69 3.38 5.93
N LEU A 93 6.59 3.72 5.29
CA LEU A 93 6.62 3.92 3.85
C LEU A 93 6.23 5.33 3.45
N CYS A 94 6.26 6.28 4.36
CA CYS A 94 5.86 7.61 3.98
C CYS A 94 7.04 8.45 3.55
N SER A 95 6.78 9.41 2.67
CA SER A 95 7.68 10.48 2.29
CA SER A 95 7.68 10.48 2.29
C SER A 95 7.08 11.77 2.84
N ASP A 96 7.82 12.85 2.75
CA ASP A 96 7.33 14.08 3.34
C ASP A 96 6.03 14.60 2.71
N ASP A 97 5.75 14.25 1.45
CA ASP A 97 4.52 14.69 0.82
C ASP A 97 3.36 13.70 0.95
N SER A 98 3.52 12.61 1.69
CA SER A 98 2.44 11.66 1.91
C SER A 98 1.36 12.32 2.75
N ASP A 99 0.11 11.96 2.46
CA ASP A 99 -1.00 12.34 3.32
C ASP A 99 -0.94 11.60 4.65
N VAL A 100 -1.86 11.98 5.53
CA VAL A 100 -1.89 11.46 6.88
C VAL A 100 -3.19 10.72 7.08
N ASP A 101 -3.12 9.42 7.26
CA ASP A 101 -4.28 8.61 7.61
C ASP A 101 -4.38 8.52 9.13
N ILE A 102 -5.56 8.86 9.68
CA ILE A 102 -5.79 8.88 11.12
C ILE A 102 -7.01 8.05 11.47
N CYS A 103 -6.89 7.23 12.51
CA CYS A 103 -8.02 6.44 13.02
C CYS A 103 -8.33 6.92 14.42
N ILE A 104 -9.60 7.19 14.67
CA ILE A 104 -10.11 7.66 15.95
C ILE A 104 -10.83 6.48 16.58
N THR A 105 -10.37 6.03 17.76
CA THR A 105 -11.00 4.90 18.41
C THR A 105 -11.74 5.38 19.65
N THR A 106 -12.87 4.75 19.92
CA THR A 106 -13.69 5.06 21.09
C THR A 106 -14.75 3.98 21.27
N PRO A 107 -15.14 3.65 22.50
CA PRO A 107 -16.35 2.82 22.69
C PRO A 107 -17.64 3.55 22.38
N TRP A 108 -17.61 4.86 22.18
CA TRP A 108 -18.79 5.68 21.99
C TRP A 108 -19.13 5.66 20.51
N ARG A 109 -20.08 4.80 20.13
CA ARG A 109 -20.39 4.61 18.73
C ARG A 109 -21.06 5.84 18.12
N GLU A 110 -21.60 6.74 18.95
CA GLU A 110 -22.17 7.97 18.44
C GLU A 110 -21.17 8.73 17.58
N LEU A 111 -19.88 8.65 17.92
CA LEU A 111 -18.87 9.39 17.19
C LEU A 111 -18.70 8.91 15.76
N GLU A 112 -19.25 7.77 15.39
CA GLU A 112 -19.12 7.25 14.03
C GLU A 112 -19.98 8.01 13.02
N SER A 113 -20.84 8.91 13.46
CA SER A 113 -21.50 9.86 12.58
C SER A 113 -20.54 11.03 12.41
N VAL A 114 -19.78 11.01 11.31
CA VAL A 114 -18.62 11.89 11.14
C VAL A 114 -18.94 13.34 10.83
N CYS A 115 -20.18 13.69 10.47
CA CYS A 115 -20.48 15.09 10.22
C CYS A 115 -20.23 15.95 11.47
N MSE A 116 -20.42 15.37 12.65
CA MSE A 116 -20.19 16.10 13.90
CA MSE A 116 -20.20 16.09 13.89
C MSE A 116 -18.71 16.40 14.05
O MSE A 116 -18.33 17.45 14.61
CB MSE A 116 -20.71 15.30 15.10
CB MSE A 116 -20.65 15.15 15.00
CG MSE A 116 -19.89 14.07 15.53
CG MSE A 116 -20.75 15.73 16.35
SE MSE A 116 -20.70 13.06 17.03
SE MSE A 116 -21.59 14.39 17.48
CE MSE A 116 -21.84 14.48 17.73
CE MSE A 116 -20.74 12.75 16.92
H MSE A 116 -20.67 14.57 12.75
HA MSE A 116 -20.71 16.92 13.89
HB2 MSE A 116 -20.76 15.89 15.87
HB2 MSE A 116 -21.53 14.82 14.77
HB3 MSE A 116 -21.61 14.97 14.89
HB3 MSE A 116 -20.02 14.42 15.06
HG2 MSE A 116 -19.80 13.48 14.77
HG2 MSE A 116 -19.87 15.94 16.70
HG3 MSE A 116 -19.00 14.38 15.81
HG3 MSE A 116 -21.30 16.53 16.34
HE1 MSE A 116 -22.50 14.71 17.05
HE1 MSE A 116 -19.78 12.85 17.01
HE2 MSE A 116 -22.29 14.16 18.53
HE2 MSE A 116 -21.05 12.03 17.49
HE3 MSE A 116 -21.30 15.25 17.94
HE3 MSE A 116 -20.98 12.58 16.00
N ILE A 117 -17.84 15.51 13.55
CA ILE A 117 -16.39 15.75 13.61
C ILE A 117 -16.01 16.85 12.66
N ALA A 118 -16.57 16.83 11.45
CA ALA A 118 -16.30 17.91 10.51
C ALA A 118 -16.67 19.25 11.09
N GLU A 119 -17.86 19.37 11.69
CA GLU A 119 -18.27 20.66 12.22
C GLU A 119 -17.30 21.16 13.29
N LEU A 120 -16.84 20.25 14.17
CA LEU A 120 -15.90 20.64 15.21
C LEU A 120 -14.57 21.11 14.62
N LEU A 121 -14.09 20.41 13.59
CA LEU A 121 -12.79 20.76 13.03
C LEU A 121 -12.84 22.06 12.25
N ASP A 122 -13.96 22.32 11.59
CA ASP A 122 -14.15 23.62 10.95
C ASP A 122 -14.17 24.74 11.97
N ARG A 123 -14.81 24.51 13.12
CA ARG A 123 -14.86 25.51 14.19
C ARG A 123 -13.47 25.81 14.76
N HIS A 124 -12.54 24.88 14.64
CA HIS A 124 -11.21 25.01 15.24
C HIS A 124 -10.12 25.24 14.21
N GLY A 125 -10.48 25.73 13.02
CA GLY A 125 -9.50 26.30 12.13
C GLY A 125 -8.95 25.37 11.06
N MSE A 126 -9.45 24.15 10.98
CA MSE A 126 -9.04 23.28 9.88
C MSE A 126 -9.71 23.80 8.62
O MSE A 126 -10.78 24.45 8.69
CB MSE A 126 -9.45 21.84 10.18
CG MSE A 126 -8.80 21.28 11.42
SE MSE A 126 -6.88 21.44 11.45
CE MSE A 126 -6.48 20.14 12.86
H MSE A 126 -10.01 23.81 11.54
HA MSE A 126 -8.07 23.27 9.76
HB2 MSE A 126 -10.41 21.82 10.32
HB3 MSE A 126 -9.20 21.27 9.44
HG2 MSE A 126 -9.14 21.74 12.19
HG3 MSE A 126 -9.00 20.34 11.48
HE1 MSE A 126 -6.71 19.26 12.55
HE2 MSE A 126 -5.53 20.19 13.06
HE3 MSE A 126 -6.99 20.37 13.65
N GLU A 127 -9.09 23.51 7.48
CA GLU A 127 -9.54 24.00 6.19
C GLU A 127 -9.96 22.82 5.31
N LYS A 128 -10.69 23.16 4.24
CA LYS A 128 -11.14 22.19 3.25
C LYS A 128 -11.78 20.99 3.95
N VAL A 129 -12.64 21.28 4.93
CA VAL A 129 -13.19 20.24 5.78
C VAL A 129 -14.39 19.63 5.06
N VAL A 130 -14.28 18.35 4.69
CA VAL A 130 -15.36 17.66 3.99
C VAL A 130 -15.51 16.28 4.61
N CYS A 131 -16.69 15.70 4.43
CA CYS A 131 -16.88 14.38 4.98
C CYS A 131 -17.73 13.50 4.09
N VAL A 132 -17.56 12.21 4.24
CA VAL A 132 -18.36 11.21 3.53
C VAL A 132 -19.02 10.38 4.62
N SER A 133 -20.30 10.62 4.86
CA SER A 133 -20.97 9.99 5.98
C SER A 133 -21.53 8.63 5.65
N SER A 134 -21.83 8.36 4.38
CA SER A 134 -22.50 7.13 3.97
CA SER A 134 -22.50 7.12 3.97
C SER A 134 -21.57 6.10 3.31
N ALA A 135 -20.27 6.37 3.28
CA ALA A 135 -19.34 5.39 2.74
C ALA A 135 -19.30 4.17 3.65
N LYS A 136 -18.80 3.05 3.11
CA LYS A 136 -18.64 1.87 3.95
C LYS A 136 -17.74 2.19 5.14
N VAL A 137 -16.67 2.94 4.90
CA VAL A 137 -15.84 3.52 5.94
C VAL A 137 -16.05 5.03 5.85
N PRO A 138 -16.88 5.64 6.70
CA PRO A 138 -17.04 7.09 6.64
C PRO A 138 -15.74 7.80 6.96
N ILE A 139 -15.50 8.91 6.30
CA ILE A 139 -14.25 9.64 6.50
C ILE A 139 -14.51 11.14 6.60
N VAL A 140 -13.58 11.81 7.29
CA VAL A 140 -13.47 13.27 7.31
C VAL A 140 -12.11 13.62 6.72
N LYS A 141 -12.09 14.56 5.80
CA LYS A 141 -10.87 15.06 5.20
C LYS A 141 -10.65 16.49 5.61
N ILE A 142 -9.39 16.82 5.91
CA ILE A 142 -9.02 18.18 6.26
C ILE A 142 -7.67 18.56 5.65
N TRP A 143 -7.44 19.85 5.60
CA TRP A 143 -6.10 20.41 5.45
C TRP A 143 -5.81 21.19 6.74
N ASP A 144 -4.70 20.87 7.40
CA ASP A 144 -4.31 21.61 8.59
C ASP A 144 -3.37 22.71 8.13
N PRO A 145 -3.74 23.97 8.21
CA PRO A 145 -2.89 25.03 7.65
C PRO A 145 -1.70 25.38 8.51
N GLU A 146 -1.70 24.98 9.78
CA GLU A 146 -0.57 25.25 10.66
C GLU A 146 0.52 24.20 10.45
N LEU A 147 0.12 22.93 10.45
CA LEU A 147 1.06 21.83 10.25
C LEU A 147 1.31 21.50 8.78
N LYS A 148 0.47 22.04 7.88
CA LYS A 148 0.58 21.83 6.43
C LYS A 148 0.51 20.35 6.06
N LEU A 149 -0.57 19.70 6.52
CA LEU A 149 -0.79 18.28 6.27
C LEU A 149 -2.20 18.05 5.80
N ALA A 150 -2.34 17.15 4.82
CA ALA A 150 -3.65 16.69 4.36
C ALA A 150 -3.96 15.40 5.11
N CYS A 151 -5.15 15.32 5.69
CA CYS A 151 -5.49 14.21 6.55
C CYS A 151 -6.85 13.64 6.21
N ASP A 152 -6.91 12.33 6.15
CA ASP A 152 -8.15 11.56 6.05
C ASP A 152 -8.32 10.81 7.37
N MSE A 153 -9.47 10.97 8.01
CA MSE A 153 -9.69 10.26 9.26
C MSE A 153 -10.93 9.45 9.26
O MSE A 153 -11.91 9.82 8.61
CB MSE A 153 -9.69 11.21 10.45
CG MSE A 153 -10.70 12.21 10.51
SE MSE A 153 -10.23 13.68 11.76
CE MSE A 153 -9.17 14.77 10.57
H MSE A 153 -10.12 11.46 7.75
HA MSE A 153 -8.94 9.64 9.36
HB2 MSE A 153 -9.77 10.68 11.26
HB3 MSE A 153 -8.83 11.68 10.45
HG2 MSE A 153 -10.81 12.60 9.62
HG3 MSE A 153 -11.52 11.81 10.80
HE1 MSE A 153 -9.72 15.08 9.84
HE2 MSE A 153 -8.82 15.53 11.06
HE3 MSE A 153 -8.43 14.23 10.23
N ASN A 154 -10.88 8.32 9.98
CA ASN A 154 -12.05 7.49 10.18
CA ASN A 154 -11.99 7.39 10.16
C ASN A 154 -12.22 7.20 11.66
N VAL A 155 -13.37 6.63 12.00
CA VAL A 155 -13.69 6.28 13.38
C VAL A 155 -13.80 4.76 13.47
N ASN A 156 -12.98 4.15 14.34
CA ASN A 156 -13.11 2.77 14.73
C ASN A 156 -12.89 1.78 13.59
N ASN A 157 -12.14 2.16 12.56
CA ASN A 157 -11.69 1.19 11.55
C ASN A 157 -10.40 0.51 12.03
N THR A 158 -10.57 -0.37 13.01
CA THR A 158 -9.40 -1.00 13.59
C THR A 158 -8.77 -2.01 12.65
N LEU A 159 -9.49 -2.51 11.66
CA LEU A 159 -8.85 -3.32 10.62
C LEU A 159 -7.73 -2.55 9.93
N ALA A 160 -7.94 -1.27 9.65
CA ALA A 160 -6.90 -0.51 8.98
C ALA A 160 -5.70 -0.28 9.90
N LEU A 161 -5.89 -0.18 11.22
CA LEU A 161 -4.73 -0.14 12.12
C LEU A 161 -3.93 -1.43 12.04
N GLU A 162 -4.63 -2.56 11.98
CA GLU A 162 -3.96 -3.85 11.91
C GLU A 162 -3.29 -4.12 10.57
N ASN A 163 -3.94 -3.83 9.42
CA ASN A 163 -3.24 -4.08 8.17
C ASN A 163 -2.07 -3.11 7.99
N THR A 164 -2.14 -1.90 8.56
CA THR A 164 -0.97 -1.04 8.55
C THR A 164 0.15 -1.67 9.37
N ARG A 165 -0.19 -2.17 10.55
CA ARG A 165 0.81 -2.79 11.41
C ARG A 165 1.41 -4.02 10.74
N MSE A 166 0.62 -4.75 9.97
CA MSE A 166 1.10 -5.89 9.21
C MSE A 166 2.14 -5.41 8.18
O MSE A 166 3.25 -5.99 8.02
CB MSE A 166 -0.07 -6.61 8.51
CG MSE A 166 0.39 -7.76 7.66
SE MSE A 166 -0.86 -8.16 6.23
CE MSE A 166 -0.74 -6.49 5.24
H MSE A 166 -0.23 -4.61 9.87
HA MSE A 166 1.51 -6.53 9.80
HB2 MSE A 166 -0.68 -6.95 9.19
HB3 MSE A 166 -0.54 -5.97 7.95
HG2 MSE A 166 1.24 -7.53 7.26
HG3 MSE A 166 0.47 -8.54 8.21
HE1 MSE A 166 0.18 -6.31 5.03
HE2 MSE A 166 -1.27 -6.56 4.44
HE3 MSE A 166 -1.09 -5.77 5.80
N VAL A 167 1.82 -4.36 7.45
CA VAL A 167 2.78 -3.83 6.49
C VAL A 167 4.06 -3.41 7.21
N ARG A 168 3.91 -2.75 8.37
CA ARG A 168 5.09 -2.31 9.13
C ARG A 168 5.96 -3.50 9.49
N THR A 169 5.33 -4.60 9.87
CA THR A 169 6.06 -5.81 10.20
C THR A 169 6.81 -6.36 9.00
N TYR A 170 6.17 -6.42 7.84
CA TYR A 170 6.85 -6.86 6.63
C TYR A 170 8.07 -5.97 6.35
N VAL A 171 7.89 -4.65 6.46
CA VAL A 171 8.99 -3.72 6.21
C VAL A 171 10.15 -3.99 7.17
N SER A 172 9.88 -4.47 8.39
CA SER A 172 10.88 -4.62 9.42
C SER A 172 11.67 -5.92 9.29
N ILE A 173 11.21 -6.82 8.42
CA ILE A 173 11.75 -8.18 8.35
CA ILE A 173 11.73 -8.19 8.32
C ILE A 173 12.93 -8.29 7.41
N ASP A 174 13.03 -7.42 6.40
CA ASP A 174 14.13 -7.53 5.46
C ASP A 174 14.50 -6.13 5.03
N ASP A 175 15.80 -5.85 4.96
CA ASP A 175 16.29 -4.50 4.68
C ASP A 175 15.88 -3.96 3.31
N ARG A 176 15.55 -4.85 2.37
CA ARG A 176 15.28 -4.42 1.01
C ARG A 176 13.86 -3.91 0.85
N VAL A 177 12.96 -4.24 1.78
CA VAL A 177 11.55 -3.95 1.58
C VAL A 177 11.30 -2.45 1.51
N ARG A 178 11.83 -1.68 2.47
CA ARG A 178 11.51 -0.25 2.52
C ARG A 178 11.97 0.47 1.26
N PRO A 179 13.22 0.35 0.82
CA PRO A 179 13.59 1.05 -0.41
C PRO A 179 12.84 0.55 -1.62
N LEU A 180 12.67 -0.78 -1.77
CA LEU A 180 11.95 -1.27 -2.93
C LEU A 180 10.52 -0.72 -2.96
N ALA A 181 9.83 -0.80 -1.83
CA ALA A 181 8.46 -0.33 -1.80
C ALA A 181 8.37 1.19 -1.98
N MSE A 182 9.24 1.97 -1.33
CA MSE A 182 9.20 3.42 -1.52
C MSE A 182 9.45 3.81 -2.97
O MSE A 182 8.81 4.74 -3.48
CB MSE A 182 10.12 4.10 -0.51
CG MSE A 182 9.46 4.01 0.85
SE MSE A 182 10.40 5.13 2.18
CE MSE A 182 9.77 6.86 1.50
H MSE A 182 9.84 1.69 -0.79
HA MSE A 182 8.32 3.77 -1.30
HB2 MSE A 182 10.98 3.65 -0.50
HB3 MSE A 182 10.24 5.04 -0.76
HG2 MSE A 182 8.54 4.31 0.79
HG3 MSE A 182 9.48 3.09 1.15
HE1 MSE A 182 8.79 6.88 1.53
HE2 MSE A 182 10.12 7.57 2.08
HE3 MSE A 182 10.08 6.98 0.60
N ILE A 183 10.32 3.08 -3.66
CA ILE A 183 10.60 3.41 -5.06
C ILE A 183 9.45 3.01 -5.96
N ILE A 184 8.86 1.84 -5.71
CA ILE A 184 7.69 1.47 -6.52
C ILE A 184 6.54 2.44 -6.25
N LYS A 185 6.33 2.84 -5.00
CA LYS A 185 5.28 3.81 -4.72
C LYS A 185 5.53 5.10 -5.47
N TYR A 186 6.77 5.59 -5.49
CA TYR A 186 7.09 6.79 -6.26
C TYR A 186 6.76 6.61 -7.74
N TRP A 187 7.15 5.48 -8.31
CA TRP A 187 6.77 5.19 -9.69
C TRP A 187 5.25 5.29 -9.86
N THR A 188 4.48 4.70 -8.92
CA THR A 188 3.02 4.73 -9.12
C THR A 188 2.48 6.14 -9.06
N ARG A 189 3.09 7.03 -8.26
CA ARG A 189 2.62 8.42 -8.22
C ARG A 189 3.01 9.18 -9.48
N ARG A 190 4.23 9.00 -9.95
CA ARG A 190 4.67 9.68 -11.16
C ARG A 190 3.89 9.24 -12.38
N ARG A 191 3.53 7.94 -12.45
CA ARG A 191 2.75 7.43 -13.57
C ARG A 191 1.25 7.64 -13.38
N VAL A 192 0.85 8.15 -12.21
CA VAL A 192 -0.55 8.45 -11.90
C VAL A 192 -1.38 7.17 -11.99
N VAL A 193 -0.93 6.12 -11.30
CA VAL A 193 -1.62 4.85 -11.27
C VAL A 193 -1.95 4.41 -9.84
N ASN A 194 -1.88 5.34 -8.87
CA ASN A 194 -2.25 5.07 -7.48
C ASN A 194 -3.47 5.87 -7.02
N ASP A 195 -4.47 6.04 -7.88
CA ASP A 195 -5.68 6.82 -7.56
C ASP A 195 -6.88 5.92 -7.82
N ALA A 196 -7.28 5.17 -6.80
CA ALA A 196 -8.43 4.28 -6.86
C ALA A 196 -9.78 4.96 -6.78
N ALA A 197 -9.84 6.21 -6.33
CA ALA A 197 -11.10 6.94 -6.26
C ALA A 197 -11.33 7.68 -7.58
N PHE A 198 -10.50 8.69 -7.84
CA PHE A 198 -10.75 9.54 -9.01
C PHE A 198 -10.33 8.86 -10.31
N GLY A 199 -9.21 8.15 -10.29
CA GLY A 199 -8.62 7.73 -11.55
C GLY A 199 -9.00 6.38 -12.08
N GLY A 200 -9.62 5.53 -11.26
CA GLY A 200 -9.94 4.18 -11.67
C GLY A 200 -8.76 3.26 -11.72
N THR A 201 -7.68 3.58 -11.01
CA THR A 201 -6.50 2.73 -10.92
C THR A 201 -6.50 2.04 -9.56
N LEU A 202 -5.36 1.90 -8.91
CA LEU A 202 -5.26 1.06 -7.72
C LEU A 202 -4.79 1.88 -6.53
N SER A 203 -5.24 1.53 -5.32
CA SER A 203 -4.78 2.27 -4.16
C SER A 203 -3.31 1.97 -3.90
N SER A 204 -2.63 2.89 -3.24
CA SER A 204 -1.28 2.59 -2.80
C SER A 204 -1.23 1.29 -1.99
N TYR A 205 -2.21 1.08 -1.10
CA TYR A 205 -2.27 -0.14 -0.29
C TYR A 205 -2.30 -1.37 -1.18
N THR A 206 -3.03 -1.29 -2.29
CA THR A 206 -3.07 -2.41 -3.22
C THR A 206 -1.71 -2.67 -3.81
N TRP A 207 -1.02 -1.61 -4.26
CA TRP A 207 0.34 -1.81 -4.77
C TRP A 207 1.26 -2.41 -3.71
N ILE A 208 1.17 -1.94 -2.47
CA ILE A 208 2.00 -2.46 -1.39
C ILE A 208 1.76 -3.95 -1.20
N CYS A 209 0.49 -4.37 -1.22
CA CYS A 209 0.20 -5.80 -1.14
C CYS A 209 0.77 -6.58 -2.33
N MSE A 210 0.77 -6.00 -3.52
CA MSE A 210 1.39 -6.63 -4.67
C MSE A 210 2.92 -6.77 -4.49
O MSE A 210 3.51 -7.74 -4.94
CB MSE A 210 1.10 -5.81 -5.92
CG MSE A 210 -0.36 -5.94 -6.35
SE MSE A 210 -0.93 -4.65 -7.66
CE MSE A 210 -0.04 -5.34 -9.21
H MSE A 210 0.40 -5.24 -3.67
HA MSE A 210 1.02 -7.52 -4.79
HB2 MSE A 210 1.28 -4.87 -5.73
HB3 MSE A 210 1.66 -6.13 -6.65
HG2 MSE A 210 -0.49 -6.82 -6.72
HG3 MSE A 210 -0.92 -5.82 -5.56
HE1 MSE A 210 -0.38 -6.23 -9.41
HE2 MSE A 210 -0.20 -4.74 -9.96
HE3 MSE A 210 0.92 -5.39 -9.03
N ILE A 211 3.55 -5.77 -3.87
CA ILE A 211 4.98 -5.85 -3.62
C ILE A 211 5.25 -6.98 -2.66
N ILE A 212 4.49 -7.03 -1.58
CA ILE A 212 4.64 -8.10 -0.59
C ILE A 212 4.42 -9.47 -1.23
N ALA A 213 3.37 -9.60 -2.05
CA ALA A 213 3.06 -10.92 -2.64
C ALA A 213 4.20 -11.38 -3.54
N PHE A 214 4.75 -10.45 -4.31
CA PHE A 214 5.88 -10.73 -5.19
C PHE A 214 7.06 -11.23 -4.37
N LEU A 215 7.36 -10.54 -3.27
CA LEU A 215 8.50 -10.92 -2.45
C LEU A 215 8.30 -12.26 -1.76
N GLN A 216 7.07 -12.60 -1.40
CA GLN A 216 6.76 -13.89 -0.82
C GLN A 216 6.98 -15.04 -1.81
N LEU A 217 6.95 -14.75 -3.11
CA LEU A 217 7.08 -15.74 -4.16
C LEU A 217 8.49 -15.79 -4.78
N ARG A 218 9.48 -15.08 -4.22
CA ARG A 218 10.83 -15.26 -4.70
C ARG A 218 11.34 -16.60 -4.26
N ASP A 219 12.44 -17.02 -4.88
CA ASP A 219 13.10 -18.29 -4.54
C ASP A 219 14.58 -18.06 -4.22
N PRO A 220 14.97 -18.07 -2.94
CA PRO A 220 14.16 -18.26 -1.73
C PRO A 220 13.31 -17.02 -1.46
N PRO A 221 12.26 -17.18 -0.69
CA PRO A 221 11.38 -16.04 -0.44
C PRO A 221 12.08 -14.95 0.36
N VAL A 222 11.76 -13.70 0.03
CA VAL A 222 12.28 -12.60 0.82
C VAL A 222 11.38 -12.33 2.04
N LEU A 223 10.09 -12.66 1.97
CA LEU A 223 9.16 -12.43 3.06
C LEU A 223 8.34 -13.70 3.30
N PRO A 224 7.98 -13.98 4.54
CA PRO A 224 7.12 -15.11 4.87
C PRO A 224 5.65 -14.73 4.69
N ALA A 225 4.75 -15.67 5.01
CA ALA A 225 3.30 -15.41 5.10
C ALA A 225 2.96 -15.27 6.57
N LEU A 226 2.97 -14.03 7.03
CA LEU A 226 2.80 -13.79 8.46
C LEU A 226 1.49 -14.34 8.99
N HIS A 227 0.40 -14.32 8.21
CA HIS A 227 -0.85 -14.85 8.74
C HIS A 227 -0.81 -16.36 8.98
N GLN A 228 0.16 -17.07 8.39
CA GLN A 228 0.27 -18.51 8.55
C GLN A 228 1.28 -18.93 9.60
N GLN A 229 2.07 -17.99 10.17
CA GLN A 229 3.17 -18.34 11.08
CA GLN A 229 3.16 -18.34 11.07
C GLN A 229 2.64 -18.26 12.50
N HIS A 230 1.79 -19.23 12.84
CA HIS A 230 1.01 -19.13 14.07
CA HIS A 230 1.01 -19.13 14.08
C HIS A 230 1.90 -19.02 15.31
N ASP A 231 3.03 -19.71 15.31
CA ASP A 231 3.79 -19.78 16.55
C ASP A 231 4.52 -18.49 16.86
N LEU A 232 4.58 -17.55 15.92
CA LEU A 232 5.21 -16.27 16.13
C LEU A 232 4.23 -15.11 16.28
N LYS A 233 2.94 -15.40 16.46
CA LYS A 233 1.92 -14.41 16.82
C LYS A 233 2.05 -14.08 18.29
N LEU A 234 2.03 -12.79 18.60
CA LEU A 234 2.07 -12.29 19.97
C LEU A 234 0.71 -11.72 20.34
N VAL A 235 0.50 -11.57 21.64
CA VAL A 235 -0.68 -10.88 22.13
C VAL A 235 -0.56 -9.38 21.85
N LYS A 236 -1.67 -8.80 21.43
CA LYS A 236 -1.73 -7.40 21.11
C LYS A 236 -1.99 -6.56 22.36
N GLN A 237 -1.88 -5.24 22.19
CA GLN A 237 -2.16 -4.33 23.29
C GLN A 237 -3.59 -4.50 23.80
N ASP A 238 -4.54 -4.87 22.92
CA ASP A 238 -5.91 -5.06 23.36
C ASP A 238 -6.16 -6.43 24.00
N GLY A 239 -5.14 -7.29 24.04
CA GLY A 239 -5.22 -8.55 24.72
C GLY A 239 -5.52 -9.74 23.84
N ALA A 240 -5.89 -9.53 22.59
CA ALA A 240 -6.16 -10.63 21.67
C ALA A 240 -4.86 -11.04 21.01
N LEU A 241 -4.83 -12.31 20.61
CA LEU A 241 -3.72 -12.82 19.83
C LEU A 241 -3.73 -12.17 18.45
N SER A 242 -2.57 -11.75 18.01
CA SER A 242 -2.46 -11.16 16.69
C SER A 242 -2.95 -12.13 15.61
N ASP A 243 -3.57 -11.57 14.56
CA ASP A 243 -3.94 -12.36 13.38
C ASP A 243 -2.73 -12.79 12.57
N PHE A 244 -1.60 -12.16 12.76
CA PHE A 244 -0.44 -12.39 11.93
C PHE A 244 0.81 -12.35 12.81
N ALA A 245 1.79 -13.14 12.42
CA ALA A 245 3.05 -13.20 13.16
C ALA A 245 3.70 -11.83 13.25
N ASP A 246 4.15 -11.48 14.45
CA ASP A 246 4.58 -10.10 14.68
C ASP A 246 5.73 -10.02 15.68
N ASP A 247 6.38 -11.14 15.98
CA ASP A 247 7.55 -11.15 16.84
C ASP A 247 8.75 -10.81 15.98
N ILE A 248 8.99 -9.51 15.85
CA ILE A 248 9.94 -9.02 14.84
C ILE A 248 11.35 -9.61 15.03
N PRO A 249 11.91 -9.65 16.25
CA PRO A 249 13.27 -10.22 16.40
C PRO A 249 13.40 -11.64 15.88
N LYS A 250 12.35 -12.46 16.00
CA LYS A 250 12.37 -13.85 15.52
C LYS A 250 12.05 -13.99 14.03
N LEU A 251 11.40 -12.99 13.43
CA LEU A 251 11.11 -12.96 12.00
C LEU A 251 12.21 -12.31 11.18
N ARG A 252 12.92 -11.35 11.76
CA ARG A 252 13.96 -10.63 11.04
CA ARG A 252 13.95 -10.63 11.03
C ARG A 252 14.98 -11.61 10.50
N GLY A 253 15.41 -11.38 9.28
CA GLY A 253 16.35 -12.29 8.66
C GLY A 253 15.73 -13.40 7.86
N PHE A 254 14.40 -13.53 7.87
CA PHE A 254 13.77 -14.62 7.17
C PHE A 254 14.20 -14.69 5.71
N GLY A 255 14.36 -13.52 5.07
CA GLY A 255 14.67 -13.45 3.67
C GLY A 255 16.15 -13.33 3.35
N ALA A 256 17.01 -13.35 4.38
CA ALA A 256 18.43 -13.07 4.15
C ALA A 256 19.12 -14.11 3.29
N LYS A 257 18.53 -15.31 3.18
CA LYS A 257 19.10 -16.33 2.31
C LYS A 257 18.94 -15.95 0.85
N ASN A 258 17.99 -15.09 0.50
CA ASN A 258 17.88 -14.59 -0.86
C ASN A 258 18.85 -13.42 -0.97
N LYS A 259 19.79 -13.49 -1.92
CA LYS A 259 20.88 -12.53 -2.02
C LYS A 259 20.68 -11.54 -3.15
N ASP A 260 19.51 -11.51 -3.76
CA ASP A 260 19.31 -10.60 -4.88
C ASP A 260 19.33 -9.14 -4.41
N SER A 261 20.00 -8.30 -5.18
CA SER A 261 20.11 -6.88 -4.85
C SER A 261 18.79 -6.15 -5.07
N LEU A 262 18.72 -4.93 -4.55
CA LEU A 262 17.58 -4.05 -4.80
C LEU A 262 17.31 -3.85 -6.29
N ALA A 263 18.37 -3.70 -7.08
CA ALA A 263 18.22 -3.55 -8.54
C ALA A 263 17.59 -4.78 -9.16
N VAL A 264 18.08 -5.97 -8.80
CA VAL A 264 17.52 -7.20 -9.32
C VAL A 264 16.08 -7.36 -8.88
N LEU A 265 15.76 -6.99 -7.65
CA LEU A 265 14.38 -7.13 -7.19
C LEU A 265 13.44 -6.17 -7.92
N LEU A 266 13.87 -4.94 -8.22
CA LEU A 266 12.99 -4.05 -8.97
C LEU A 266 12.75 -4.59 -10.37
N PHE A 267 13.81 -5.06 -11.03
CA PHE A 267 13.67 -5.70 -12.33
C PHE A 267 12.71 -6.87 -12.24
N GLN A 268 12.85 -7.70 -11.20
CA GLN A 268 12.01 -8.89 -11.07
C GLN A 268 10.55 -8.53 -10.75
N PHE A 269 10.32 -7.47 -9.99
CA PHE A 269 8.96 -7.04 -9.70
C PHE A 269 8.22 -6.71 -10.99
N PHE A 270 8.88 -5.91 -11.85
CA PHE A 270 8.26 -5.57 -13.12
C PHE A 270 8.17 -6.78 -14.04
N ARG A 271 9.18 -7.65 -14.05
CA ARG A 271 9.05 -8.87 -14.84
C ARG A 271 7.90 -9.74 -14.39
N PHE A 272 7.71 -9.88 -13.09
CA PHE A 272 6.66 -10.73 -12.56
C PHE A 272 5.30 -10.21 -12.98
N TYR A 273 5.04 -8.93 -12.77
CA TYR A 273 3.73 -8.36 -13.08
C TYR A 273 3.56 -8.10 -14.56
N ALA A 274 4.62 -7.76 -15.28
CA ALA A 274 4.49 -7.51 -16.72
C ALA A 274 4.29 -8.81 -17.50
N HIS A 275 4.99 -9.88 -17.10
CA HIS A 275 5.06 -11.08 -17.96
C HIS A 275 4.71 -12.39 -17.28
N GLU A 276 5.12 -12.59 -16.03
CA GLU A 276 5.04 -13.95 -15.48
C GLU A 276 3.65 -14.27 -14.94
N PHE A 277 2.99 -13.31 -14.30
CA PHE A 277 1.76 -13.56 -13.55
C PHE A 277 0.57 -13.70 -14.50
N ASP A 278 -0.19 -14.77 -14.33
CA ASP A 278 -1.42 -15.02 -15.09
C ASP A 278 -2.62 -14.37 -14.38
N TYR A 279 -2.90 -13.12 -14.75
CA TYR A 279 -3.97 -12.34 -14.12
C TYR A 279 -5.32 -12.98 -14.30
N ASP A 280 -5.55 -13.72 -15.41
CA ASP A 280 -6.87 -14.27 -15.64
C ASP A 280 -7.19 -15.36 -14.65
N LYS A 281 -6.18 -16.12 -14.21
CA LYS A 281 -6.43 -17.31 -13.43
C LYS A 281 -6.28 -17.12 -11.93
N TYR A 282 -5.35 -16.28 -11.48
CA TYR A 282 -4.92 -16.31 -10.09
C TYR A 282 -5.32 -15.07 -9.31
N THR A 283 -5.40 -15.27 -7.99
CA THR A 283 -5.52 -14.22 -6.97
C THR A 283 -4.26 -14.18 -6.13
N LEU A 284 -3.73 -12.98 -5.93
CA LEU A 284 -2.55 -12.77 -5.09
C LEU A 284 -3.02 -12.67 -3.65
N SER A 285 -2.41 -13.47 -2.77
CA SER A 285 -2.84 -13.58 -1.38
C SER A 285 -1.63 -13.48 -0.45
N ILE A 286 -1.42 -12.30 0.12
CA ILE A 286 -0.35 -12.15 1.12
C ILE A 286 -0.72 -12.83 2.44
N ARG A 287 -2.01 -13.12 2.66
CA ARG A 287 -2.44 -13.95 3.79
C ARG A 287 -1.80 -15.32 3.70
N MSE A 288 -1.77 -15.91 2.52
CA MSE A 288 -1.29 -17.27 2.34
C MSE A 288 0.14 -17.39 1.87
O MSE A 288 0.76 -18.43 2.08
CB MSE A 288 -2.21 -17.98 1.36
CG MSE A 288 -3.58 -18.25 1.91
SE MSE A 288 -3.61 -19.66 3.24
CE MSE A 288 -3.59 -21.18 2.06
H MSE A 288 -2.02 -15.52 1.79
HA MSE A 288 -1.31 -17.68 3.22
HB2 MSE A 288 -2.32 -17.44 0.57
HB3 MSE A 288 -1.81 -18.84 1.13
HG2 MSE A 288 -3.91 -17.45 2.33
HG3 MSE A 288 -4.17 -18.52 1.19
HE1 MSE A 288 -2.77 -21.17 1.55
HE2 MSE A 288 -3.66 -21.99 2.59
HE3 MSE A 288 -4.36 -21.12 1.46
N GLY A 289 0.65 -16.38 1.17
CA GLY A 289 1.97 -16.48 0.60
C GLY A 289 2.10 -17.48 -0.53
N THR A 290 0.98 -17.89 -1.09
CA THR A 290 0.90 -18.76 -2.24
CA THR A 290 0.93 -18.73 -2.26
C THR A 290 -0.21 -18.21 -3.14
N LEU A 291 -0.18 -18.56 -4.42
CA LEU A 291 -1.25 -18.08 -5.30
C LEU A 291 -2.53 -18.86 -5.03
N LEU A 292 -3.67 -18.17 -5.03
CA LEU A 292 -4.99 -18.76 -4.99
C LEU A 292 -5.58 -18.66 -6.40
N THR A 293 -6.57 -19.48 -6.71
CA THR A 293 -7.25 -19.30 -7.99
C THR A 293 -8.49 -18.45 -7.79
N LYS A 294 -8.83 -17.64 -8.79
CA LYS A 294 -10.11 -16.95 -8.72
C LYS A 294 -11.23 -17.95 -8.53
N ALA A 295 -11.17 -19.08 -9.25
CA ALA A 295 -12.28 -20.03 -9.24
C ALA A 295 -12.54 -20.58 -7.83
N GLU A 296 -11.50 -20.82 -7.04
CA GLU A 296 -11.76 -21.39 -5.73
C GLU A 296 -12.36 -20.38 -4.78
N LYS A 297 -12.33 -19.10 -5.11
CA LYS A 297 -12.94 -18.04 -4.33
C LYS A 297 -14.25 -17.55 -4.93
N ASN A 298 -14.68 -18.14 -6.05
CA ASN A 298 -15.82 -17.62 -6.81
C ASN A 298 -15.60 -16.18 -7.27
N TRP A 299 -14.34 -15.79 -7.42
CA TRP A 299 -14.00 -14.42 -7.81
C TRP A 299 -14.03 -14.22 -9.32
N GLN A 300 -14.29 -15.26 -10.11
CA GLN A 300 -14.48 -15.04 -11.53
C GLN A 300 -15.74 -14.24 -11.81
N TYR A 301 -16.62 -14.13 -10.82
CA TYR A 301 -17.86 -13.38 -10.97
C TYR A 301 -17.77 -11.93 -10.51
N LEU A 302 -16.68 -11.51 -9.86
CA LEU A 302 -16.65 -10.17 -9.31
C LEU A 302 -16.58 -9.15 -10.43
N VAL A 303 -17.31 -8.05 -10.26
CA VAL A 303 -17.05 -6.88 -11.08
CA VAL A 303 -17.07 -6.89 -11.09
C VAL A 303 -15.63 -6.41 -10.85
N ASN A 304 -14.98 -5.96 -11.90
CA ASN A 304 -13.63 -5.45 -11.81
C ASN A 304 -12.70 -6.47 -11.17
N ASN A 305 -12.59 -7.63 -11.83
CA ASN A 305 -11.81 -8.75 -11.35
C ASN A 305 -10.62 -9.09 -12.25
N ALA A 306 -10.27 -8.20 -13.18
CA ALA A 306 -9.12 -8.47 -14.03
C ALA A 306 -7.87 -8.69 -13.19
N LEU A 307 -7.70 -7.87 -12.16
CA LEU A 307 -6.70 -8.04 -11.13
C LEU A 307 -7.39 -8.41 -9.81
N CYS A 308 -6.94 -9.53 -9.24
CA CYS A 308 -7.43 -9.98 -7.94
C CYS A 308 -6.29 -10.03 -6.95
N VAL A 309 -6.43 -9.24 -5.89
CA VAL A 309 -5.45 -9.06 -4.82
C VAL A 309 -6.30 -9.15 -3.54
N GLU A 310 -6.22 -10.27 -2.84
CA GLU A 310 -7.06 -10.47 -1.67
C GLU A 310 -6.60 -9.64 -0.47
N GLU A 311 -7.51 -8.93 0.15
CA GLU A 311 -7.17 -8.27 1.40
CA GLU A 311 -7.19 -8.27 1.41
C GLU A 311 -6.95 -9.34 2.47
N PRO A 312 -5.83 -9.30 3.20
CA PRO A 312 -5.51 -10.43 4.07
C PRO A 312 -6.35 -10.55 5.32
N PHE A 313 -7.08 -9.51 5.73
CA PHE A 313 -7.97 -9.57 6.89
C PHE A 313 -9.43 -9.76 6.53
N ASN A 314 -9.79 -9.60 5.28
CA ASN A 314 -11.16 -9.79 4.80
C ASN A 314 -11.00 -10.52 3.47
N ASP A 315 -11.08 -11.86 3.51
CA ASP A 315 -10.90 -12.66 2.32
C ASP A 315 -12.00 -12.43 1.30
N GLY A 316 -13.02 -11.63 1.65
CA GLY A 316 -14.02 -11.26 0.69
C GLY A 316 -13.77 -9.99 -0.07
N ARG A 317 -12.68 -9.26 0.18
CA ARG A 317 -12.41 -8.00 -0.48
C ARG A 317 -11.29 -8.17 -1.46
N ASN A 318 -11.58 -7.86 -2.72
CA ASN A 318 -10.59 -7.73 -3.78
C ASN A 318 -10.04 -6.29 -3.85
N LEU A 319 -8.78 -6.10 -3.49
CA LEU A 319 -8.18 -4.77 -3.54
C LEU A 319 -8.00 -4.26 -4.97
N GLY A 320 -8.10 -5.14 -5.97
CA GLY A 320 -8.09 -4.73 -7.36
C GLY A 320 -9.43 -4.29 -7.90
N ASN A 321 -10.45 -4.19 -7.05
CA ASN A 321 -11.79 -3.96 -7.56
C ASN A 321 -12.05 -2.54 -8.03
N THR A 322 -11.06 -1.66 -7.97
CA THR A 322 -11.24 -0.30 -8.44
C THR A 322 -10.78 -0.13 -9.88
N ALA A 323 -10.25 -1.19 -10.50
CA ALA A 323 -9.78 -1.19 -11.88
C ALA A 323 -10.72 -2.02 -12.76
N ASP A 324 -11.44 -1.37 -13.66
CA ASP A 324 -12.24 -2.07 -14.67
C ASP A 324 -11.32 -2.66 -15.72
N GLU A 325 -11.91 -3.37 -16.69
CA GLU A 325 -11.09 -4.10 -17.66
CA GLU A 325 -11.10 -4.10 -17.66
C GLU A 325 -10.25 -3.15 -18.51
N THR A 326 -10.79 -1.97 -18.81
CA THR A 326 -10.05 -0.98 -19.58
C THR A 326 -8.87 -0.45 -18.77
N SER A 327 -9.13 -0.08 -17.52
CA SER A 327 -8.06 0.42 -16.67
C SER A 327 -7.01 -0.66 -16.46
N PHE A 328 -7.44 -1.90 -16.30
CA PHE A 328 -6.44 -2.94 -16.11
C PHE A 328 -5.56 -3.07 -17.35
N ARG A 329 -6.17 -3.05 -18.54
CA ARG A 329 -5.36 -3.10 -19.75
C ARG A 329 -4.28 -2.04 -19.71
N GLY A 330 -4.65 -0.79 -19.37
CA GLY A 330 -3.68 0.29 -19.31
C GLY A 330 -2.63 0.07 -18.23
N LEU A 331 -3.04 -0.46 -17.07
CA LEU A 331 -2.09 -0.77 -16.00
C LEU A 331 -1.10 -1.81 -16.48
N HIS A 332 -1.59 -2.85 -17.15
CA HIS A 332 -0.67 -3.89 -17.63
C HIS A 332 0.31 -3.32 -18.65
N MSE A 333 -0.16 -2.46 -19.53
CA MSE A 333 0.74 -1.79 -20.45
C MSE A 333 1.79 -0.94 -19.73
O MSE A 333 2.92 -0.87 -20.19
CB MSE A 333 -0.05 -0.96 -21.46
CG MSE A 333 -0.86 -1.83 -22.40
SE MSE A 333 -2.24 -0.94 -23.42
CE MSE A 333 -1.10 0.14 -24.56
H MSE A 333 -1.00 -2.24 -19.61
HA MSE A 333 1.21 -2.46 -20.96
HB2 MSE A 333 -0.67 -0.38 -20.97
HB3 MSE A 333 0.57 -0.42 -21.98
HG2 MSE A 333 -0.25 -2.23 -23.04
HG3 MSE A 333 -1.29 -2.52 -21.87
HE1 MSE A 333 -0.57 -0.45 -25.12
HE2 MSE A 333 -1.66 0.71 -25.11
HE3 MSE A 333 -0.52 0.67 -24.00
N GLU A 334 1.40 -0.24 -18.67
CA GLU A 334 2.37 0.52 -17.89
C GLU A 334 3.40 -0.39 -17.25
N LEU A 335 2.98 -1.59 -16.84
CA LEU A 335 3.93 -2.54 -16.26
C LEU A 335 4.89 -3.06 -17.32
N ARG A 336 4.39 -3.32 -18.54
CA ARG A 336 5.24 -3.68 -19.69
C ARG A 336 6.26 -2.59 -19.95
N ARG A 337 5.79 -1.34 -20.02
CA ARG A 337 6.69 -0.21 -20.25
C ARG A 337 7.79 -0.17 -19.20
N ALA A 338 7.42 -0.33 -17.92
CA ALA A 338 8.40 -0.23 -16.84
C ALA A 338 9.39 -1.37 -16.93
N PHE A 339 8.91 -2.59 -17.21
CA PHE A 339 9.83 -3.71 -17.41
C PHE A 339 10.85 -3.40 -18.50
N ASP A 340 10.38 -2.90 -19.66
CA ASP A 340 11.26 -2.62 -20.79
C ASP A 340 12.35 -1.63 -20.37
N LEU A 341 11.97 -0.63 -19.58
CA LEU A 341 12.91 0.44 -19.24
C LEU A 341 13.86 -0.01 -18.12
N ILE A 342 13.34 -0.62 -17.06
CA ILE A 342 14.20 -1.11 -15.96
C ILE A 342 15.18 -2.18 -16.47
N ALA A 343 14.79 -2.97 -17.45
CA ALA A 343 15.69 -3.96 -18.04
C ALA A 343 16.97 -3.33 -18.55
N GLU A 344 16.91 -2.06 -18.97
CA GLU A 344 18.08 -1.34 -19.46
C GLU A 344 18.56 -0.30 -18.46
N GLY A 345 18.09 -0.35 -17.23
CA GLY A 345 18.53 0.53 -16.16
C GLY A 345 17.95 1.93 -16.20
N LYS A 346 16.89 2.16 -16.97
CA LYS A 346 16.40 3.52 -17.24
C LYS A 346 15.40 3.92 -16.17
N LEU A 347 15.90 4.01 -14.93
CA LEU A 347 15.02 4.38 -13.80
C LEU A 347 14.38 5.74 -14.00
N GLU A 348 15.14 6.74 -14.43
CA GLU A 348 14.58 8.08 -14.57
C GLU A 348 13.46 8.08 -15.60
N GLU A 349 13.69 7.43 -16.74
CA GLU A 349 12.66 7.41 -17.76
C GLU A 349 11.46 6.62 -17.29
N CYS A 350 11.70 5.49 -16.63
CA CYS A 350 10.61 4.69 -16.08
C CYS A 350 9.70 5.54 -15.22
N CYS A 351 10.29 6.41 -14.38
CA CYS A 351 9.55 7.25 -13.43
C CYS A 351 9.17 8.62 -13.98
N GLU A 352 9.23 8.84 -15.31
CA GLU A 352 8.84 10.15 -15.84
C GLU A 352 7.38 10.42 -15.46
N GLN A 353 7.11 11.70 -15.22
CA GLN A 353 5.75 12.12 -14.87
C GLN A 353 4.83 11.92 -16.07
N TYR A 354 3.76 11.15 -15.87
CA TYR A 354 2.71 11.02 -16.88
C TYR A 354 1.95 12.33 -16.97
N VAL A 355 1.72 12.80 -18.20
CA VAL A 355 0.93 13.99 -18.47
C VAL A 355 -0.25 13.61 -19.35
N PHE A 356 -1.44 14.05 -18.97
CA PHE A 356 -2.64 13.75 -19.74
C PHE A 356 -2.66 14.50 -21.07
CA CA B . -2.05 7.29 2.74
O5' 2TM C . -4.08 3.50 2.33
C5' 2TM C . -3.92 3.91 3.68
C4' 2TM C . -4.33 2.84 4.66
O4' 2TM C . -5.81 2.64 4.41
C3' 2TM C . -3.78 1.47 4.42
O3' 2TM C . -2.51 1.38 5.12
C2' 2TM C . -4.82 0.61 4.98
O2' 2TM C . -4.70 0.59 6.44
C1' 2TM C . -6.16 1.23 4.65
C5 2TM C . -7.15 0.74 1.08
C6 2TM C . -6.54 1.34 2.23
N1 2TM C . -6.70 0.75 3.46
C2 2TM C . -7.46 -0.40 3.48
N3 2TM C . -8.02 -0.94 2.41
C4 2TM C . -7.85 -0.43 1.23
O3G 2TM C . 0.57 6.77 -1.11
PG 2TM C . 0.52 6.72 0.43
O1G 2TM C . -0.58 7.62 0.95
O2G 2TM C . 1.88 6.93 1.11
O3B 2TM C . 0.09 5.23 0.73
PB 2TM C . -0.15 4.41 2.05
O1B 2TM C . -0.64 5.39 3.12
O2B 2TM C . 1.09 3.56 2.39
PA 2TM C . -3.09 4.08 1.25
O1A 2TM C . -3.60 3.52 -0.04
O2A 2TM C . -3.01 5.60 1.32
N4 2TM C . -8.46 -1.00 0.07
O2 2TM C . -7.60 -0.93 4.59
C1 2TM C . -1.47 3.28 1.59
H1 2TM C . -2.97 4.14 3.85
H2 2TM C . -4.49 4.71 3.85
H3 2TM C . -4.03 3.13 5.54
H4 2TM C . -3.61 1.24 3.48
H5 2TM C . -2.02 0.72 4.74
H6 2TM C . -4.74 -0.30 4.61
H7 2TM C . -4.20 -0.10 6.67
H8 2TM C . -6.81 1.06 5.37
H9 2TM C . -6.81 0.96 0.20
H10 2TM C . -6.31 2.28 2.19
H15 2TM C . -8.37 -0.58 -0.75
H16 2TM C . -9.07 -1.69 0.18
H17 2TM C . -1.59 2.65 2.33
H18 2TM C . -1.18 2.80 0.78
#